data_6BW0
#
_entry.id   6BW0
#
_cell.length_a   77.855
_cell.length_b   88.818
_cell.length_c   97.646
_cell.angle_alpha   90.00
_cell.angle_beta   90.00
_cell.angle_gamma   90.00
#
_symmetry.space_group_name_H-M   'P 21 21 21'
#
loop_
_entity.id
_entity.type
_entity.pdbx_description
1 polymer 'Protein W'
2 polymer 'Importin subunit alpha-1'
3 water water
#
loop_
_entity_poly.entity_id
_entity_poly.type
_entity_poly.pdbx_seq_one_letter_code
_entity_poly.pdbx_strand_id
1 'polypeptide(L)' SRNIHLLGRKTCLGRRVVQPGMFEDHPPTKKARVSMRRMSN C
2 'polypeptide(L)'
;MHHHHHHSSGLVPRGSGMLETAAALFERNHMDSPDLGTDDDDLAMADIGSNQGTVNWSVEDIVKGINSNNLESQLQATQA
ARKLLSREKQPPIDNIIRAGLIPKFVSFLGKTDCSPIQFESAWALTNIASGTSEQTKAVVDGGAIPAFISLLASPHAHIS
EQAVWALGNIAGDGSAFRDLVIKHGAIDPLLALLAVPDLSTLACGYLRNLTWTLSNLCRNKNPAPPLDAVEQILPTLVRL
LHHNDPEVLADSCWAISYLTDGPNERIEMVVKKGVVPQLVKLLGATELPIVTPALRAIGNIVTGTDEQTQKVIDAGALAV
FPSLLTNPKTNIQKEATWTMSNITAGRQDQIQQVVNHGLVPFLVGVLSKADFKTQKEAAWAITNYTSGGTVEQIVYLVHC
GIIEPLMNLLSAKDTKIIQVILDAISNIFQAAEKLGETEKLSIMIEECGGLDKIEALQRHENESVYKASLNLIEKYFSVE
EEEDQNVVPETTSEGFAFQVQDGAPGTFNF
;
E
#
# COMPACT_ATOMS: atom_id res chain seq x y z
N PRO A 27 6.84 -0.13 2.71
CA PRO A 27 8.27 0.05 2.48
C PRO A 27 8.66 1.52 2.57
N PRO A 28 9.91 1.80 2.91
CA PRO A 28 10.33 3.19 3.02
C PRO A 28 10.39 3.84 1.65
N THR A 29 10.13 5.15 1.63
CA THR A 29 10.27 5.92 0.41
C THR A 29 11.73 6.08 0.00
N LYS A 30 12.63 6.10 0.98
CA LYS A 30 14.06 6.31 0.75
C LYS A 30 14.82 5.46 1.75
N LYS A 31 16.08 5.14 1.42
CA LYS A 31 16.93 4.41 2.36
C LYS A 31 18.40 4.68 2.08
N ALA A 32 19.16 4.81 3.16
CA ALA A 32 20.60 5.01 3.08
C ALA A 32 21.32 3.67 3.04
N ARG A 33 22.48 3.65 2.40
CA ARG A 33 23.34 2.47 2.46
C ARG A 33 24.34 2.62 3.60
N VAL A 34 24.28 1.71 4.55
CA VAL A 34 25.13 1.72 5.72
C VAL A 34 26.11 0.55 5.67
N GLY B 53 43.65 4.74 5.35
CA GLY B 53 42.96 5.56 6.34
C GLY B 53 42.05 6.60 5.71
N THR B 54 40.83 6.19 5.38
CA THR B 54 39.78 7.11 4.98
C THR B 54 38.72 7.25 6.06
N VAL B 55 39.09 6.97 7.31
CA VAL B 55 38.16 6.93 8.44
C VAL B 55 38.23 8.24 9.19
N ASN B 56 37.06 8.76 9.57
CA ASN B 56 36.94 9.97 10.41
C ASN B 56 37.73 11.14 9.84
N TRP B 57 37.54 11.42 8.55
CA TRP B 57 38.08 12.65 7.99
C TRP B 57 37.20 13.82 8.39
N SER B 58 37.83 14.99 8.50
CA SER B 58 37.12 16.25 8.60
C SER B 58 36.58 16.65 7.24
N VAL B 59 35.50 17.43 7.25
CA VAL B 59 34.93 17.91 5.99
C VAL B 59 35.95 18.78 5.26
N GLU B 60 36.72 19.57 6.02
CA GLU B 60 37.75 20.42 5.43
C GLU B 60 38.80 19.59 4.68
N ASP B 61 39.23 18.48 5.27
CA ASP B 61 40.17 17.59 4.57
C ASP B 61 39.54 16.98 3.32
N ILE B 62 38.26 16.61 3.39
CA ILE B 62 37.58 16.07 2.22
C ILE B 62 37.57 17.11 1.10
N VAL B 63 37.23 18.35 1.43
CA VAL B 63 37.23 19.43 0.46
C VAL B 63 38.63 19.59 -0.14
N LYS B 64 39.65 19.59 0.73
CA LYS B 64 41.03 19.71 0.25
C LYS B 64 41.37 18.63 -0.77
N GLY B 65 41.00 17.38 -0.46
CA GLY B 65 41.32 16.28 -1.36
C GLY B 65 40.55 16.35 -2.66
N ILE B 66 39.28 16.74 -2.58
CA ILE B 66 38.46 16.78 -3.80
C ILE B 66 38.85 17.96 -4.67
N ASN B 67 39.37 19.03 -4.07
CA ASN B 67 39.83 20.18 -4.84
C ASN B 67 41.25 20.02 -5.36
N SER B 68 41.96 18.95 -4.97
CA SER B 68 43.23 18.65 -5.59
C SER B 68 43.01 18.37 -7.08
N ASN B 69 44.09 18.40 -7.84
CA ASN B 69 44.02 18.11 -9.27
C ASN B 69 44.41 16.67 -9.57
N ASN B 70 44.14 15.75 -8.64
CA ASN B 70 44.67 14.40 -8.65
C ASN B 70 43.50 13.44 -8.46
N LEU B 71 43.20 12.67 -9.49
CA LEU B 71 42.02 11.81 -9.45
C LEU B 71 42.11 10.80 -8.31
N GLU B 72 43.30 10.35 -7.94
CA GLU B 72 43.41 9.38 -6.85
C GLU B 72 43.23 10.05 -5.48
N SER B 73 43.73 11.28 -5.31
CA SER B 73 43.42 12.03 -4.09
C SER B 73 41.93 12.33 -4.01
N GLN B 74 41.32 12.67 -5.15
CA GLN B 74 39.87 12.86 -5.17
C GLN B 74 39.14 11.58 -4.79
N LEU B 75 39.62 10.44 -5.28
CA LEU B 75 39.02 9.16 -4.91
C LEU B 75 39.10 8.91 -3.41
N GLN B 76 40.26 9.15 -2.82
CA GLN B 76 40.42 8.94 -1.38
C GLN B 76 39.46 9.83 -0.59
N ALA B 77 39.38 11.11 -0.96
CA ALA B 77 38.50 12.03 -0.22
C ALA B 77 37.03 11.67 -0.44
N THR B 78 36.66 11.19 -1.63
CA THR B 78 35.27 10.79 -1.86
C THR B 78 34.91 9.57 -1.03
N GLN B 79 35.84 8.62 -0.92
CA GLN B 79 35.63 7.48 -0.04
C GLN B 79 35.47 7.92 1.41
N ALA B 80 36.29 8.89 1.85
CA ALA B 80 36.14 9.42 3.20
C ALA B 80 34.77 10.04 3.40
N ALA B 81 34.29 10.79 2.41
CA ALA B 81 32.92 11.32 2.46
C ALA B 81 31.89 10.20 2.56
N ARG B 82 32.01 9.20 1.69
CA ARG B 82 31.11 8.05 1.73
C ARG B 82 31.05 7.46 3.13
N LYS B 83 32.22 7.30 3.78
CA LYS B 83 32.24 6.69 5.10
C LYS B 83 31.58 7.58 6.14
N LEU B 84 31.77 8.90 6.04
CA LEU B 84 31.04 9.81 6.93
C LEU B 84 29.54 9.66 6.74
N LEU B 85 29.09 9.61 5.49
CA LEU B 85 27.66 9.61 5.18
C LEU B 85 27.00 8.26 5.43
N SER B 86 27.78 7.19 5.56
CA SER B 86 27.21 5.86 5.76
C SER B 86 27.27 5.41 7.21
N ARG B 87 27.42 6.33 8.15
CA ARG B 87 27.28 6.01 9.56
C ARG B 87 25.84 6.27 10.00
N GLU B 88 25.37 5.44 10.93
CA GLU B 88 23.97 5.54 11.36
C GLU B 88 23.72 6.82 12.15
N LYS B 89 24.64 7.18 13.04
CA LYS B 89 24.48 8.33 13.91
C LYS B 89 24.63 9.63 13.12
N GLN B 90 23.53 10.33 12.90
CA GLN B 90 23.50 11.71 12.43
C GLN B 90 24.55 11.96 11.34
N PRO B 91 24.44 11.31 10.18
CA PRO B 91 25.39 11.56 9.10
C PRO B 91 25.35 13.02 8.68
N PRO B 92 26.50 13.66 8.48
CA PRO B 92 26.54 15.12 8.26
C PRO B 92 26.17 15.51 6.83
N ILE B 93 24.94 15.20 6.44
CA ILE B 93 24.48 15.47 5.08
C ILE B 93 24.58 16.96 4.76
N ASP B 94 24.03 17.80 5.64
CA ASP B 94 23.99 19.23 5.36
C ASP B 94 25.38 19.83 5.31
N ASN B 95 26.30 19.36 6.15
CA ASN B 95 27.67 19.86 6.10
C ASN B 95 28.32 19.52 4.76
N ILE B 96 28.10 18.29 4.27
CA ILE B 96 28.63 17.92 2.95
C ILE B 96 28.03 18.81 1.87
N ILE B 97 26.72 19.06 1.93
CA ILE B 97 26.07 19.91 0.93
C ILE B 97 26.64 21.32 0.98
N ARG B 98 26.73 21.89 2.18
CA ARG B 98 27.23 23.26 2.33
C ARG B 98 28.68 23.39 1.86
N ALA B 99 29.48 22.34 2.01
CA ALA B 99 30.84 22.37 1.50
C ALA B 99 30.89 22.41 -0.02
N GLY B 100 29.75 22.27 -0.70
CA GLY B 100 29.70 22.40 -2.16
C GLY B 100 30.14 21.18 -2.92
N LEU B 101 30.04 19.98 -2.34
CA LEU B 101 30.63 18.79 -2.94
C LEU B 101 29.75 18.09 -3.96
N ILE B 102 28.44 18.33 -3.96
CA ILE B 102 27.55 17.59 -4.87
C ILE B 102 28.00 17.72 -6.33
N PRO B 103 28.29 18.91 -6.86
CA PRO B 103 28.73 18.98 -8.27
C PRO B 103 29.96 18.15 -8.55
N LYS B 104 30.93 18.11 -7.62
CA LYS B 104 32.11 17.28 -7.82
C LYS B 104 31.73 15.81 -7.88
N PHE B 105 30.93 15.35 -6.92
CA PHE B 105 30.45 13.96 -6.93
C PHE B 105 29.76 13.63 -8.25
N VAL B 106 28.87 14.51 -8.72
CA VAL B 106 28.17 14.25 -9.96
C VAL B 106 29.17 14.11 -11.11
N SER B 107 30.16 15.00 -11.15
CA SER B 107 31.18 14.88 -12.20
C SER B 107 31.93 13.57 -12.08
N PHE B 108 32.15 13.10 -10.85
CA PHE B 108 32.87 11.82 -10.67
C PHE B 108 32.05 10.65 -11.19
N LEU B 109 30.72 10.77 -11.18
CA LEU B 109 29.89 9.70 -11.75
C LEU B 109 30.29 9.36 -13.19
N GLY B 110 30.79 10.33 -13.94
CA GLY B 110 31.15 10.08 -15.32
C GLY B 110 32.56 9.60 -15.58
N LYS B 111 33.36 9.34 -14.55
CA LYS B 111 34.78 9.00 -14.73
C LYS B 111 34.93 7.51 -15.01
N THR B 112 34.76 7.16 -16.28
CA THR B 112 34.71 5.76 -16.70
C THR B 112 36.04 5.04 -16.48
N ASP B 113 37.16 5.77 -16.51
CA ASP B 113 38.47 5.15 -16.33
C ASP B 113 38.85 5.00 -14.86
N CYS B 114 37.99 5.42 -13.93
CA CYS B 114 38.21 5.25 -12.50
C CYS B 114 36.89 4.80 -11.89
N SER B 115 36.52 3.54 -12.14
CA SER B 115 35.26 3.04 -11.62
C SER B 115 35.19 3.10 -10.09
N PRO B 116 36.28 2.95 -9.32
CA PRO B 116 36.17 3.17 -7.88
C PRO B 116 35.57 4.53 -7.51
N ILE B 117 35.92 5.61 -8.22
CA ILE B 117 35.36 6.89 -7.83
C ILE B 117 33.91 7.02 -8.29
N GLN B 118 33.55 6.35 -9.39
CA GLN B 118 32.14 6.24 -9.76
C GLN B 118 31.34 5.61 -8.62
N PHE B 119 31.83 4.48 -8.09
CA PHE B 119 31.13 3.77 -7.03
C PHE B 119 31.06 4.61 -5.75
N GLU B 120 32.20 5.18 -5.34
CA GLU B 120 32.21 5.95 -4.09
C GLU B 120 31.28 7.16 -4.17
N SER B 121 31.31 7.88 -5.29
CA SER B 121 30.45 9.05 -5.41
C SER B 121 28.98 8.64 -5.56
N ALA B 122 28.71 7.51 -6.22
CA ALA B 122 27.34 7.02 -6.31
C ALA B 122 26.79 6.73 -4.92
N TRP B 123 27.58 6.09 -4.07
CA TRP B 123 27.16 5.79 -2.70
C TRP B 123 26.93 7.08 -1.90
N ALA B 124 27.90 8.01 -1.96
CA ALA B 124 27.74 9.28 -1.25
C ALA B 124 26.46 9.99 -1.68
N LEU B 125 26.22 10.07 -3.00
CA LEU B 125 25.03 10.76 -3.49
C LEU B 125 23.75 10.01 -3.14
N THR B 126 23.80 8.68 -3.15
CA THR B 126 22.65 7.90 -2.68
C THR B 126 22.27 8.33 -1.28
N ASN B 127 23.26 8.39 -0.38
CA ASN B 127 22.92 8.67 1.01
C ASN B 127 22.49 10.12 1.20
N ILE B 128 23.03 11.06 0.42
CA ILE B 128 22.49 12.42 0.47
C ILE B 128 21.04 12.44 0.00
N ALA B 129 20.75 11.73 -1.11
CA ALA B 129 19.40 11.70 -1.66
C ALA B 129 18.43 10.92 -0.77
N SER B 130 18.93 10.17 0.20
CA SER B 130 18.07 9.44 1.13
C SER B 130 17.46 10.35 2.20
N GLY B 131 17.86 11.62 2.27
CA GLY B 131 17.43 12.49 3.35
C GLY B 131 16.11 13.19 3.10
N THR B 132 16.03 14.45 3.52
CA THR B 132 14.83 15.25 3.34
C THR B 132 14.65 15.63 1.87
N SER B 133 13.48 16.19 1.56
CA SER B 133 13.22 16.63 0.19
C SER B 133 14.21 17.70 -0.24
N GLU B 134 14.67 18.55 0.67
CA GLU B 134 15.67 19.55 0.32
C GLU B 134 17.00 18.89 -0.06
N GLN B 135 17.39 17.85 0.67
CA GLN B 135 18.65 17.16 0.37
C GLN B 135 18.55 16.37 -0.95
N THR B 136 17.46 15.64 -1.15
CA THR B 136 17.23 14.99 -2.44
C THR B 136 17.25 16.01 -3.57
N LYS B 137 16.58 17.16 -3.36
CA LYS B 137 16.56 18.21 -4.38
C LYS B 137 17.96 18.71 -4.67
N ALA B 138 18.81 18.82 -3.64
CA ALA B 138 20.20 19.21 -3.86
C ALA B 138 20.87 18.27 -4.83
N VAL B 139 20.64 16.96 -4.65
CA VAL B 139 21.23 15.98 -5.56
C VAL B 139 20.67 16.14 -6.98
N VAL B 140 19.35 16.29 -7.09
CA VAL B 140 18.76 16.47 -8.42
C VAL B 140 19.31 17.73 -9.09
N ASP B 141 19.40 18.83 -8.33
CA ASP B 141 19.82 20.12 -8.87
C ASP B 141 21.24 20.07 -9.41
N GLY B 142 22.08 19.20 -8.87
CA GLY B 142 23.44 19.05 -9.39
C GLY B 142 23.57 18.25 -10.66
N GLY B 143 22.46 17.81 -11.25
CA GLY B 143 22.52 17.07 -12.50
C GLY B 143 22.64 15.57 -12.35
N ALA B 144 22.31 15.02 -11.17
CA ALA B 144 22.57 13.62 -10.88
C ALA B 144 21.71 12.65 -11.69
N ILE B 145 20.53 13.06 -12.14
CA ILE B 145 19.59 12.10 -12.74
C ILE B 145 20.17 11.49 -14.02
N PRO B 146 20.55 12.30 -15.01
CA PRO B 146 21.12 11.71 -16.24
C PRO B 146 22.41 10.94 -15.99
N ALA B 147 23.25 11.39 -15.05
CA ALA B 147 24.50 10.69 -14.76
C ALA B 147 24.24 9.29 -14.18
N PHE B 148 23.26 9.19 -13.27
CA PHE B 148 22.91 7.87 -12.73
C PHE B 148 22.29 6.99 -13.80
N ILE B 149 21.41 7.55 -14.64
CA ILE B 149 20.83 6.75 -15.71
C ILE B 149 21.93 6.19 -16.62
N SER B 150 22.94 7.02 -16.92
CA SER B 150 24.08 6.53 -17.71
C SER B 150 24.84 5.43 -16.98
N LEU B 151 24.91 5.49 -15.65
CA LEU B 151 25.61 4.42 -14.93
C LEU B 151 24.83 3.12 -14.89
N LEU B 152 23.52 3.17 -15.14
CA LEU B 152 22.77 1.91 -15.19
C LEU B 152 23.41 0.89 -16.14
N ALA B 153 24.11 1.37 -17.16
CA ALA B 153 24.72 0.49 -18.16
C ALA B 153 26.15 0.08 -17.80
N SER B 154 26.61 0.37 -16.59
CA SER B 154 27.99 0.06 -16.24
C SER B 154 28.27 -1.44 -16.39
N PRO B 155 29.45 -1.84 -16.87
CA PRO B 155 29.81 -3.27 -16.80
C PRO B 155 30.06 -3.77 -15.39
N HIS B 156 30.17 -2.88 -14.40
CA HIS B 156 30.40 -3.27 -13.02
C HIS B 156 29.07 -3.31 -12.28
N ALA B 157 28.68 -4.50 -11.83
CA ALA B 157 27.33 -4.69 -11.28
C ALA B 157 27.13 -3.91 -9.98
N HIS B 158 28.17 -3.74 -9.15
CA HIS B 158 27.97 -2.99 -7.92
C HIS B 158 27.73 -1.50 -8.22
N ILE B 159 28.23 -1.01 -9.35
CA ILE B 159 28.02 0.38 -9.74
C ILE B 159 26.62 0.57 -10.33
N SER B 160 26.19 -0.32 -11.24
CA SER B 160 24.83 -0.23 -11.74
C SER B 160 23.83 -0.34 -10.59
N GLU B 161 24.04 -1.30 -9.69
CA GLU B 161 23.17 -1.42 -8.52
C GLU B 161 23.14 -0.13 -7.70
N GLN B 162 24.30 0.51 -7.48
CA GLN B 162 24.26 1.75 -6.70
C GLN B 162 23.49 2.86 -7.43
N ALA B 163 23.60 2.91 -8.76
CA ALA B 163 22.80 3.87 -9.52
C ALA B 163 21.31 3.57 -9.42
N VAL B 164 20.94 2.28 -9.44
CA VAL B 164 19.54 1.89 -9.25
C VAL B 164 19.03 2.42 -7.92
N TRP B 165 19.81 2.19 -6.87
CA TRP B 165 19.46 2.63 -5.52
C TRP B 165 19.25 4.15 -5.46
N ALA B 166 20.23 4.91 -5.97
CA ALA B 166 20.10 6.36 -5.97
C ALA B 166 18.84 6.82 -6.68
N LEU B 167 18.54 6.23 -7.84
CA LEU B 167 17.35 6.65 -8.57
C LEU B 167 16.09 6.27 -7.80
N GLY B 168 16.13 5.16 -7.06
CA GLY B 168 15.02 4.83 -6.18
C GLY B 168 14.77 5.90 -5.14
N ASN B 169 15.83 6.46 -4.56
CA ASN B 169 15.65 7.52 -3.56
C ASN B 169 15.08 8.79 -4.20
N ILE B 170 15.61 9.14 -5.36
CA ILE B 170 15.13 10.35 -6.04
C ILE B 170 13.65 10.20 -6.37
N ALA B 171 13.28 9.10 -7.03
CA ALA B 171 11.87 8.88 -7.35
C ALA B 171 11.02 8.78 -6.09
N GLY B 172 11.56 8.24 -5.01
CA GLY B 172 10.78 8.11 -3.79
C GLY B 172 10.47 9.41 -3.11
N ASP B 173 11.15 10.49 -3.48
CA ASP B 173 10.77 11.80 -2.95
C ASP B 173 9.29 12.14 -3.23
N GLY B 174 8.80 11.83 -4.42
CA GLY B 174 7.43 12.19 -4.74
C GLY B 174 7.17 12.20 -6.23
N SER B 175 5.94 12.59 -6.56
CA SER B 175 5.43 12.46 -7.93
C SER B 175 6.28 13.23 -8.93
N ALA B 176 6.68 14.47 -8.59
CA ALA B 176 7.41 15.30 -9.53
C ALA B 176 8.76 14.70 -9.88
N PHE B 177 9.55 14.29 -8.86
CA PHE B 177 10.85 13.70 -9.15
C PHE B 177 10.70 12.32 -9.77
N ARG B 178 9.69 11.55 -9.36
CA ARG B 178 9.39 10.29 -10.04
C ARG B 178 9.23 10.51 -11.53
N ASP B 179 8.38 11.48 -11.90
CA ASP B 179 8.12 11.73 -13.30
C ASP B 179 9.32 12.34 -14.01
N LEU B 180 10.17 13.06 -13.27
CA LEU B 180 11.38 13.60 -13.90
C LEU B 180 12.39 12.51 -14.18
N VAL B 181 12.53 11.55 -13.26
CA VAL B 181 13.36 10.37 -13.50
C VAL B 181 12.86 9.64 -14.74
N ILE B 182 11.53 9.47 -14.85
CA ILE B 182 10.98 8.82 -16.03
C ILE B 182 11.28 9.62 -17.30
N LYS B 183 11.09 10.94 -17.25
CA LYS B 183 11.33 11.77 -18.43
C LYS B 183 12.79 11.71 -18.87
N HIS B 184 13.72 11.55 -17.93
CA HIS B 184 15.12 11.43 -18.32
C HIS B 184 15.44 10.06 -18.93
N GLY B 185 14.49 9.14 -18.96
CA GLY B 185 14.66 7.88 -19.67
C GLY B 185 15.13 6.70 -18.84
N ALA B 186 14.77 6.63 -17.56
CA ALA B 186 15.32 5.58 -16.69
C ALA B 186 14.71 4.20 -16.94
N ILE B 187 13.46 4.14 -17.43
CA ILE B 187 12.74 2.87 -17.41
C ILE B 187 13.40 1.85 -18.33
N ASP B 188 13.73 2.24 -19.57
CA ASP B 188 14.31 1.29 -20.50
C ASP B 188 15.54 0.61 -19.89
N PRO B 189 16.56 1.37 -19.46
CA PRO B 189 17.75 0.70 -18.90
C PRO B 189 17.47 -0.11 -17.64
N LEU B 190 16.59 0.39 -16.77
CA LEU B 190 16.20 -0.41 -15.60
C LEU B 190 15.66 -1.76 -16.02
N LEU B 191 14.72 -1.77 -16.96
CA LEU B 191 14.10 -3.03 -17.38
C LEU B 191 15.10 -3.91 -18.11
N ALA B 192 16.02 -3.32 -18.87
CA ALA B 192 17.06 -4.10 -19.52
C ALA B 192 17.85 -4.91 -18.51
N LEU B 193 18.10 -4.34 -17.33
CA LEU B 193 18.84 -5.13 -16.33
C LEU B 193 18.06 -6.39 -15.92
N LEU B 194 16.74 -6.39 -16.06
CA LEU B 194 15.91 -7.52 -15.64
C LEU B 194 15.49 -8.41 -16.80
N ALA B 195 16.01 -8.18 -18.00
CA ALA B 195 15.60 -8.94 -19.18
C ALA B 195 16.52 -10.15 -19.36
N VAL B 196 16.36 -11.11 -18.45
CA VAL B 196 17.17 -12.32 -18.43
C VAL B 196 16.22 -13.52 -18.45
N PRO B 197 16.69 -14.67 -18.93
CA PRO B 197 15.80 -15.85 -18.94
C PRO B 197 15.30 -16.25 -17.57
N ASP B 198 16.16 -16.19 -16.55
CA ASP B 198 15.80 -16.62 -15.19
C ASP B 198 16.32 -15.60 -14.20
N LEU B 199 15.40 -14.93 -13.50
CA LEU B 199 15.78 -13.94 -12.50
C LEU B 199 16.73 -14.52 -11.45
N SER B 200 16.75 -15.84 -11.30
CA SER B 200 17.59 -16.45 -10.27
C SER B 200 19.08 -16.26 -10.53
N THR B 201 19.48 -15.93 -11.77
CA THR B 201 20.90 -15.75 -12.05
C THR B 201 21.43 -14.43 -11.50
N LEU B 202 20.55 -13.49 -11.17
CA LEU B 202 20.97 -12.22 -10.60
C LEU B 202 21.21 -12.36 -9.11
N ALA B 203 22.12 -11.52 -8.60
CA ALA B 203 22.38 -11.48 -7.17
C ALA B 203 21.12 -11.03 -6.43
N CYS B 204 20.92 -11.62 -5.24
CA CYS B 204 19.70 -11.37 -4.48
C CYS B 204 19.54 -9.90 -4.15
N GLY B 205 20.58 -9.27 -3.59
CA GLY B 205 20.46 -7.88 -3.19
C GLY B 205 20.23 -6.95 -4.38
N TYR B 206 20.89 -7.25 -5.50
CA TYR B 206 20.70 -6.49 -6.72
C TYR B 206 19.26 -6.56 -7.21
N LEU B 207 18.71 -7.77 -7.26
CA LEU B 207 17.33 -7.95 -7.66
C LEU B 207 16.37 -7.24 -6.70
N ARG B 208 16.66 -7.28 -5.40
CA ARG B 208 15.81 -6.58 -4.44
C ARG B 208 15.83 -5.08 -4.67
N ASN B 209 17.03 -4.52 -4.91
CA ASN B 209 17.10 -3.08 -5.14
C ASN B 209 16.41 -2.68 -6.43
N LEU B 210 16.53 -3.49 -7.48
CA LEU B 210 15.82 -3.22 -8.72
C LEU B 210 14.31 -3.23 -8.49
N THR B 211 13.80 -4.24 -7.78
CA THR B 211 12.37 -4.31 -7.49
C THR B 211 11.90 -3.11 -6.69
N TRP B 212 12.68 -2.72 -5.67
CA TRP B 212 12.28 -1.59 -4.82
C TRP B 212 12.24 -0.29 -5.62
N THR B 213 13.28 -0.03 -6.43
CA THR B 213 13.26 1.19 -7.24
C THR B 213 12.08 1.18 -8.20
N LEU B 214 11.81 0.03 -8.86
CA LEU B 214 10.63 -0.06 -9.71
C LEU B 214 9.37 0.27 -8.93
N SER B 215 9.26 -0.24 -7.70
CA SER B 215 8.06 0.03 -6.92
C SER B 215 7.91 1.53 -6.66
N ASN B 216 9.03 2.23 -6.47
CA ASN B 216 8.94 3.67 -6.27
C ASN B 216 8.54 4.38 -7.55
N LEU B 217 8.90 3.84 -8.72
CA LEU B 217 8.39 4.44 -9.95
C LEU B 217 6.90 4.20 -10.14
N CYS B 218 6.32 3.23 -9.43
CA CYS B 218 4.87 3.00 -9.47
C CYS B 218 4.14 3.74 -8.36
N ARG B 219 4.84 4.35 -7.42
CA ARG B 219 4.27 4.90 -6.19
C ARG B 219 3.78 6.33 -6.40
N ASN B 220 2.86 6.74 -5.52
CA ASN B 220 2.39 8.12 -5.37
C ASN B 220 1.30 8.51 -6.38
N LYS B 221 0.51 9.52 -6.01
CA LYS B 221 -0.59 10.00 -6.84
C LYS B 221 -0.53 11.51 -6.98
N ASN B 222 -1.59 12.11 -7.53
CA ASN B 222 -1.66 13.55 -7.74
C ASN B 222 -0.37 14.07 -8.38
N PRO B 223 0.02 13.57 -9.55
CA PRO B 223 -0.69 12.53 -10.32
C PRO B 223 -0.16 11.12 -10.10
N ALA B 224 -0.92 10.13 -10.55
CA ALA B 224 -0.40 8.79 -10.66
C ALA B 224 0.65 8.75 -11.77
N PRO B 225 1.49 7.73 -11.81
CA PRO B 225 2.54 7.65 -12.83
C PRO B 225 1.95 7.67 -14.24
N PRO B 226 2.74 8.06 -15.24
CA PRO B 226 2.21 8.10 -16.61
C PRO B 226 1.74 6.73 -17.09
N LEU B 227 0.64 6.71 -17.83
CA LEU B 227 0.04 5.46 -18.26
C LEU B 227 1.02 4.63 -19.08
N ASP B 228 1.71 5.27 -20.03
CA ASP B 228 2.67 4.53 -20.84
C ASP B 228 3.79 3.95 -19.98
N ALA B 229 4.22 4.66 -18.94
CA ALA B 229 5.25 4.13 -18.05
C ALA B 229 4.75 2.88 -17.33
N VAL B 230 3.51 2.92 -16.84
CA VAL B 230 2.92 1.74 -16.19
C VAL B 230 2.87 0.57 -17.16
N GLU B 231 2.38 0.80 -18.39
CA GLU B 231 2.27 -0.30 -19.34
C GLU B 231 3.65 -0.87 -19.66
N GLN B 232 4.66 -0.02 -19.74
CA GLN B 232 6.01 -0.48 -20.02
C GLN B 232 6.58 -1.30 -18.87
N ILE B 233 6.23 -0.94 -17.64
CA ILE B 233 6.80 -1.63 -16.47
C ILE B 233 6.07 -2.93 -16.15
N LEU B 234 4.78 -2.99 -16.40
CA LEU B 234 3.95 -4.07 -15.87
C LEU B 234 4.45 -5.46 -16.20
N PRO B 235 4.86 -5.80 -17.43
CA PRO B 235 5.27 -7.18 -17.69
C PRO B 235 6.43 -7.63 -16.81
N THR B 236 7.42 -6.76 -16.61
CA THR B 236 8.52 -7.11 -15.70
C THR B 236 8.02 -7.23 -14.27
N LEU B 237 7.12 -6.33 -13.86
CA LEU B 237 6.55 -6.42 -12.51
C LEU B 237 5.85 -7.76 -12.30
N VAL B 238 5.08 -8.20 -13.29
CA VAL B 238 4.37 -9.47 -13.19
C VAL B 238 5.38 -10.62 -13.06
N ARG B 239 6.49 -10.53 -13.80
CA ARG B 239 7.53 -11.56 -13.67
C ARG B 239 8.15 -11.56 -12.27
N LEU B 240 8.34 -10.37 -11.68
CA LEU B 240 8.88 -10.30 -10.33
C LEU B 240 7.91 -10.84 -9.29
N LEU B 241 6.60 -10.66 -9.53
CA LEU B 241 5.58 -11.18 -8.62
C LEU B 241 5.57 -12.70 -8.53
N HIS B 242 6.28 -13.39 -9.43
CA HIS B 242 6.38 -14.85 -9.39
C HIS B 242 7.74 -15.31 -8.89
N HIS B 243 8.61 -14.40 -8.48
CA HIS B 243 9.93 -14.76 -7.98
C HIS B 243 9.83 -15.30 -6.56
N ASN B 244 10.83 -16.08 -6.15
CA ASN B 244 10.78 -16.82 -4.89
C ASN B 244 11.35 -16.05 -3.69
N ASP B 245 11.88 -14.86 -3.89
CA ASP B 245 12.48 -14.17 -2.75
C ASP B 245 11.41 -13.39 -1.99
N PRO B 246 11.30 -13.54 -0.65
CA PRO B 246 10.23 -12.85 0.08
C PRO B 246 10.24 -11.33 -0.07
N GLU B 247 11.42 -10.70 -0.08
CA GLU B 247 11.44 -9.24 -0.19
C GLU B 247 11.05 -8.79 -1.59
N VAL B 248 11.51 -9.49 -2.63
CA VAL B 248 11.08 -9.17 -3.98
C VAL B 248 9.57 -9.32 -4.11
N LEU B 249 9.01 -10.41 -3.56
CA LEU B 249 7.56 -10.62 -3.58
C LEU B 249 6.84 -9.48 -2.87
N ALA B 250 7.33 -9.08 -1.70
CA ALA B 250 6.67 -8.01 -0.94
C ALA B 250 6.66 -6.70 -1.72
N ASP B 251 7.81 -6.31 -2.26
CA ASP B 251 7.89 -5.02 -2.94
C ASP B 251 7.16 -5.04 -4.28
N SER B 252 7.16 -6.18 -4.98
CA SER B 252 6.32 -6.32 -6.17
C SER B 252 4.85 -6.14 -5.81
N CYS B 253 4.41 -6.78 -4.72
CA CYS B 253 3.03 -6.61 -4.26
C CYS B 253 2.73 -5.16 -3.93
N TRP B 254 3.65 -4.47 -3.26
CA TRP B 254 3.45 -3.06 -2.97
C TRP B 254 3.26 -2.27 -4.26
N ALA B 255 4.12 -2.51 -5.25
CA ALA B 255 3.97 -1.81 -6.53
C ALA B 255 2.58 -2.06 -7.12
N ILE B 256 2.15 -3.33 -7.16
CA ILE B 256 0.83 -3.64 -7.70
C ILE B 256 -0.26 -2.92 -6.91
N SER B 257 -0.07 -2.80 -5.60
CA SER B 257 -1.05 -2.09 -4.77
C SER B 257 -1.09 -0.61 -5.11
N TYR B 258 0.07 -0.01 -5.42
CA TYR B 258 0.07 1.39 -5.84
C TYR B 258 -0.69 1.53 -7.15
N LEU B 259 -0.42 0.64 -8.11
CA LEU B 259 -0.99 0.76 -9.44
C LEU B 259 -2.49 0.54 -9.44
N THR B 260 -3.02 -0.26 -8.50
CA THR B 260 -4.46 -0.48 -8.38
C THR B 260 -5.14 0.56 -7.50
N ASP B 261 -4.40 1.47 -6.90
CA ASP B 261 -4.96 2.51 -6.03
C ASP B 261 -5.34 3.71 -6.89
N GLY B 262 -6.48 3.59 -7.58
CA GLY B 262 -6.92 4.64 -8.45
C GLY B 262 -8.20 4.28 -9.18
N PRO B 263 -8.51 5.00 -10.27
CA PRO B 263 -9.76 4.75 -11.00
C PRO B 263 -9.79 3.35 -11.59
N ASN B 264 -10.96 2.99 -12.12
CA ASN B 264 -11.17 1.64 -12.63
C ASN B 264 -10.29 1.34 -13.84
N GLU B 265 -9.88 2.35 -14.60
CA GLU B 265 -9.02 2.12 -15.76
C GLU B 265 -7.63 1.63 -15.32
N ARG B 266 -7.10 2.18 -14.23
CA ARG B 266 -5.82 1.67 -13.71
C ARG B 266 -5.96 0.25 -13.19
N ILE B 267 -7.02 0.02 -12.41
CA ILE B 267 -7.32 -1.34 -11.93
C ILE B 267 -7.35 -2.30 -13.10
N GLU B 268 -7.99 -1.89 -14.20
CA GLU B 268 -8.17 -2.77 -15.35
C GLU B 268 -6.84 -3.06 -16.03
N MET B 269 -6.00 -2.03 -16.21
CA MET B 269 -4.65 -2.28 -16.70
C MET B 269 -4.00 -3.41 -15.92
N VAL B 270 -4.12 -3.38 -14.60
CA VAL B 270 -3.47 -4.39 -13.78
C VAL B 270 -4.15 -5.74 -13.96
N VAL B 271 -5.47 -5.77 -13.82
CA VAL B 271 -6.22 -7.04 -13.84
C VAL B 271 -6.03 -7.76 -15.16
N LYS B 272 -5.91 -7.00 -16.26
CA LYS B 272 -5.73 -7.59 -17.58
C LYS B 272 -4.45 -8.41 -17.68
N LYS B 273 -3.42 -8.04 -16.91
CA LYS B 273 -2.18 -8.80 -16.96
C LYS B 273 -2.28 -10.14 -16.25
N GLY B 274 -3.42 -10.45 -15.64
CA GLY B 274 -3.66 -11.77 -15.09
C GLY B 274 -3.11 -12.02 -13.71
N VAL B 275 -2.84 -10.97 -12.92
CA VAL B 275 -2.15 -11.15 -11.64
C VAL B 275 -3.06 -11.57 -10.49
N VAL B 276 -4.38 -11.54 -10.65
CA VAL B 276 -5.27 -11.77 -9.50
C VAL B 276 -5.05 -13.14 -8.87
N PRO B 277 -4.95 -14.25 -9.61
CA PRO B 277 -4.68 -15.53 -8.95
C PRO B 277 -3.39 -15.54 -8.15
N GLN B 278 -2.32 -14.97 -8.69
CA GLN B 278 -1.07 -14.90 -7.93
C GLN B 278 -1.24 -14.05 -6.68
N LEU B 279 -2.00 -12.95 -6.78
CA LEU B 279 -2.26 -12.15 -5.60
C LEU B 279 -3.00 -12.95 -4.53
N VAL B 280 -3.96 -13.79 -4.95
CA VAL B 280 -4.70 -14.59 -3.97
C VAL B 280 -3.78 -15.62 -3.30
N LYS B 281 -2.93 -16.27 -4.10
CA LYS B 281 -1.93 -17.17 -3.53
C LYS B 281 -1.07 -16.44 -2.49
N LEU B 282 -0.60 -15.25 -2.83
CA LEU B 282 0.25 -14.50 -1.90
C LEU B 282 -0.54 -14.01 -0.70
N LEU B 283 -1.83 -13.75 -0.88
CA LEU B 283 -2.71 -13.45 0.23
C LEU B 283 -2.67 -14.58 1.24
N GLY B 284 -2.41 -15.80 0.77
CA GLY B 284 -2.26 -16.90 1.70
C GLY B 284 -0.87 -17.12 2.28
N ALA B 285 0.07 -16.20 2.08
CA ALA B 285 1.45 -16.43 2.51
C ALA B 285 1.56 -16.45 4.02
N THR B 286 2.66 -17.06 4.50
CA THR B 286 2.92 -17.06 5.93
C THR B 286 3.62 -15.78 6.37
N GLU B 287 4.46 -15.21 5.51
CA GLU B 287 5.14 -13.96 5.82
C GLU B 287 4.13 -12.79 5.78
N LEU B 288 3.98 -12.11 6.90
CA LEU B 288 3.09 -10.95 6.96
C LEU B 288 3.52 -9.82 6.03
N PRO B 289 4.82 -9.56 5.79
CA PRO B 289 5.19 -8.50 4.85
C PRO B 289 4.73 -8.76 3.43
N ILE B 290 4.34 -9.99 3.11
CA ILE B 290 3.74 -10.29 1.82
C ILE B 290 2.22 -10.17 1.88
N VAL B 291 1.60 -10.74 2.93
CA VAL B 291 0.15 -10.67 3.05
C VAL B 291 -0.33 -9.23 3.01
N THR B 292 0.35 -8.35 3.72
CA THR B 292 -0.12 -6.97 3.85
C THR B 292 -0.31 -6.29 2.49
N PRO B 293 0.70 -6.24 1.62
CA PRO B 293 0.50 -5.59 0.31
C PRO B 293 -0.40 -6.39 -0.62
N ALA B 294 -0.37 -7.72 -0.55
CA ALA B 294 -1.29 -8.52 -1.36
C ALA B 294 -2.73 -8.19 -1.02
N LEU B 295 -3.04 -8.08 0.28
CA LEU B 295 -4.38 -7.73 0.71
C LEU B 295 -4.73 -6.31 0.31
N ARG B 296 -3.78 -5.38 0.43
CA ARG B 296 -4.03 -4.02 -0.02
C ARG B 296 -4.42 -3.99 -1.50
N ALA B 297 -3.69 -4.75 -2.33
CA ALA B 297 -3.98 -4.79 -3.75
C ALA B 297 -5.35 -5.40 -4.03
N ILE B 298 -5.67 -6.51 -3.36
CA ILE B 298 -6.99 -7.12 -3.54
C ILE B 298 -8.11 -6.15 -3.15
N GLY B 299 -7.94 -5.45 -2.03
CA GLY B 299 -8.96 -4.49 -1.60
C GLY B 299 -9.14 -3.37 -2.60
N ASN B 300 -8.02 -2.82 -3.10
CA ASN B 300 -8.10 -1.83 -4.17
C ASN B 300 -8.89 -2.37 -5.34
N ILE B 301 -8.58 -3.60 -5.77
CA ILE B 301 -9.23 -4.12 -6.97
C ILE B 301 -10.72 -4.24 -6.77
N VAL B 302 -11.15 -4.63 -5.56
CA VAL B 302 -12.60 -4.74 -5.34
C VAL B 302 -13.25 -3.40 -5.09
N THR B 303 -12.49 -2.30 -5.03
CA THR B 303 -13.17 -1.00 -5.18
C THR B 303 -13.64 -0.73 -6.61
N GLY B 304 -13.34 -1.60 -7.57
CA GLY B 304 -13.63 -1.33 -8.96
C GLY B 304 -15.02 -1.76 -9.40
N THR B 305 -15.15 -2.25 -10.62
CA THR B 305 -16.43 -2.70 -11.13
C THR B 305 -16.80 -4.06 -10.55
N ASP B 306 -18.09 -4.39 -10.66
CA ASP B 306 -18.55 -5.68 -10.20
C ASP B 306 -17.82 -6.82 -10.91
N GLU B 307 -17.38 -6.60 -12.15
CA GLU B 307 -16.66 -7.64 -12.88
C GLU B 307 -15.23 -7.83 -12.35
N GLN B 308 -14.55 -6.73 -12.01
CA GLN B 308 -13.22 -6.87 -11.40
C GLN B 308 -13.31 -7.55 -10.04
N THR B 309 -14.30 -7.15 -9.23
CA THR B 309 -14.60 -7.86 -7.99
C THR B 309 -14.83 -9.35 -8.24
N GLN B 310 -15.58 -9.67 -9.30
CA GLN B 310 -15.88 -11.08 -9.57
C GLN B 310 -14.62 -11.84 -9.95
N LYS B 311 -13.68 -11.18 -10.60
CA LYS B 311 -12.40 -11.83 -10.86
C LYS B 311 -11.70 -12.17 -9.56
N VAL B 312 -11.83 -11.30 -8.56
CA VAL B 312 -11.24 -11.61 -7.25
C VAL B 312 -11.93 -12.83 -6.64
N ILE B 313 -13.26 -12.86 -6.69
CA ILE B 313 -14.00 -13.98 -6.12
C ILE B 313 -13.66 -15.28 -6.85
N ASP B 314 -13.61 -15.25 -8.18
CA ASP B 314 -13.38 -16.46 -8.96
C ASP B 314 -12.01 -17.06 -8.69
N ALA B 315 -11.03 -16.25 -8.30
CA ALA B 315 -9.70 -16.73 -7.98
C ALA B 315 -9.61 -17.39 -6.61
N GLY B 316 -10.70 -17.42 -5.85
CA GLY B 316 -10.70 -18.10 -4.55
C GLY B 316 -10.35 -17.23 -3.36
N ALA B 317 -10.48 -15.90 -3.48
CA ALA B 317 -10.04 -15.02 -2.40
C ALA B 317 -10.86 -15.23 -1.14
N LEU B 318 -12.17 -15.47 -1.28
CA LEU B 318 -13.04 -15.50 -0.09
C LEU B 318 -12.65 -16.63 0.86
N ALA B 319 -12.09 -17.71 0.32
CA ALA B 319 -11.65 -18.84 1.15
C ALA B 319 -10.55 -18.43 2.13
N VAL B 320 -9.84 -17.34 1.86
CA VAL B 320 -8.78 -16.89 2.77
C VAL B 320 -9.32 -16.01 3.89
N PHE B 321 -10.57 -15.55 3.79
CA PHE B 321 -10.99 -14.53 4.73
C PHE B 321 -11.32 -15.04 6.13
N PRO B 322 -11.61 -16.34 6.34
CA PRO B 322 -11.69 -16.83 7.73
C PRO B 322 -10.45 -16.51 8.55
N SER B 323 -9.27 -16.69 7.98
CA SER B 323 -8.04 -16.36 8.70
C SER B 323 -7.78 -14.85 8.69
N LEU B 324 -7.97 -14.17 7.55
CA LEU B 324 -7.74 -12.73 7.51
C LEU B 324 -8.61 -12.00 8.53
N LEU B 325 -9.87 -12.40 8.67
CA LEU B 325 -10.77 -11.72 9.59
C LEU B 325 -10.52 -12.10 11.04
N THR B 326 -9.61 -13.03 11.31
CA THR B 326 -9.20 -13.36 12.67
C THR B 326 -7.71 -13.14 12.87
N ASN B 327 -7.07 -12.47 11.94
CA ASN B 327 -5.63 -12.34 11.95
C ASN B 327 -5.19 -11.54 13.18
N PRO B 328 -4.15 -11.98 13.89
CA PRO B 328 -3.72 -11.25 15.11
C PRO B 328 -3.16 -9.86 14.82
N LYS B 329 -2.78 -9.55 13.59
CA LYS B 329 -2.32 -8.20 13.25
C LYS B 329 -3.54 -7.31 12.97
N THR B 330 -3.67 -6.24 13.76
CA THR B 330 -4.86 -5.39 13.69
C THR B 330 -5.07 -4.84 12.28
N ASN B 331 -4.01 -4.36 11.62
CA ASN B 331 -4.18 -3.74 10.32
C ASN B 331 -4.66 -4.75 9.27
N ILE B 332 -4.22 -6.01 9.37
CA ILE B 332 -4.72 -7.04 8.47
C ILE B 332 -6.22 -7.23 8.67
N GLN B 333 -6.64 -7.38 9.93
CA GLN B 333 -8.06 -7.55 10.21
C GLN B 333 -8.86 -6.37 9.68
N LYS B 334 -8.35 -5.16 9.87
CA LYS B 334 -9.06 -3.95 9.45
C LYS B 334 -9.18 -3.88 7.93
N GLU B 335 -8.08 -4.12 7.20
CA GLU B 335 -8.13 -4.07 5.75
C GLU B 335 -8.96 -5.20 5.18
N ALA B 336 -8.93 -6.37 5.81
CA ALA B 336 -9.78 -7.47 5.36
C ALA B 336 -11.25 -7.13 5.54
N THR B 337 -11.60 -6.44 6.64
CA THR B 337 -12.99 -6.07 6.84
C THR B 337 -13.42 -4.98 5.87
N TRP B 338 -12.52 -4.03 5.59
CA TRP B 338 -12.79 -3.01 4.57
C TRP B 338 -13.05 -3.66 3.21
N THR B 339 -12.20 -4.62 2.83
CA THR B 339 -12.40 -5.35 1.59
C THR B 339 -13.77 -6.05 1.57
N MET B 340 -14.10 -6.74 2.67
CA MET B 340 -15.42 -7.37 2.76
C MET B 340 -16.53 -6.36 2.55
N SER B 341 -16.40 -5.17 3.14
CA SER B 341 -17.45 -4.16 3.01
C SER B 341 -17.62 -3.72 1.58
N ASN B 342 -16.54 -3.69 0.81
CA ASN B 342 -16.69 -3.38 -0.61
C ASN B 342 -17.24 -4.57 -1.40
N ILE B 343 -17.02 -5.79 -0.93
CA ILE B 343 -17.59 -6.94 -1.64
C ILE B 343 -19.09 -7.03 -1.37
N THR B 344 -19.54 -6.71 -0.14
CA THR B 344 -20.97 -6.77 0.16
C THR B 344 -21.74 -5.61 -0.45
N ALA B 345 -21.05 -4.61 -0.99
CA ALA B 345 -21.69 -3.55 -1.75
C ALA B 345 -21.93 -3.95 -3.20
N GLY B 346 -21.61 -5.18 -3.58
CA GLY B 346 -21.75 -5.65 -4.94
C GLY B 346 -23.10 -6.29 -5.20
N ARG B 347 -23.11 -7.22 -6.15
CA ARG B 347 -24.33 -7.84 -6.64
C ARG B 347 -24.85 -8.91 -5.67
N GLN B 348 -26.11 -9.28 -5.87
CA GLN B 348 -26.74 -10.23 -4.96
C GLN B 348 -26.08 -11.60 -5.05
N ASP B 349 -25.62 -12.01 -6.23
CA ASP B 349 -24.89 -13.28 -6.31
C ASP B 349 -23.53 -13.18 -5.63
N GLN B 350 -22.94 -11.98 -5.56
CA GLN B 350 -21.66 -11.83 -4.86
C GLN B 350 -21.87 -11.85 -3.34
N ILE B 351 -22.92 -11.19 -2.85
CA ILE B 351 -23.34 -11.40 -1.47
C ILE B 351 -23.56 -12.88 -1.20
N GLN B 352 -24.17 -13.59 -2.15
CA GLN B 352 -24.45 -15.00 -1.93
C GLN B 352 -23.16 -15.79 -1.80
N GLN B 353 -22.13 -15.41 -2.56
CA GLN B 353 -20.85 -16.11 -2.42
C GLN B 353 -20.21 -15.79 -1.07
N VAL B 354 -20.39 -14.58 -0.56
CA VAL B 354 -19.97 -14.27 0.80
C VAL B 354 -20.66 -15.20 1.79
N VAL B 355 -21.95 -15.48 1.55
CA VAL B 355 -22.71 -16.38 2.42
C VAL B 355 -22.17 -17.80 2.32
N ASN B 356 -22.02 -18.30 1.08
CA ASN B 356 -21.60 -19.67 0.86
C ASN B 356 -20.24 -19.97 1.50
N HIS B 357 -19.35 -18.98 1.54
CA HIS B 357 -18.02 -19.18 2.11
C HIS B 357 -18.00 -19.07 3.63
N GLY B 358 -19.16 -18.90 4.26
CA GLY B 358 -19.25 -18.91 5.70
C GLY B 358 -18.75 -17.65 6.37
N LEU B 359 -18.76 -16.53 5.66
CA LEU B 359 -18.11 -15.32 6.15
C LEU B 359 -19.02 -14.44 7.01
N VAL B 360 -20.33 -14.68 7.02
CA VAL B 360 -21.19 -13.83 7.84
C VAL B 360 -20.87 -14.05 9.31
N PRO B 361 -20.74 -15.30 9.79
CA PRO B 361 -20.31 -15.48 11.18
C PRO B 361 -18.99 -14.80 11.52
N PHE B 362 -18.06 -14.70 10.58
CA PHE B 362 -16.82 -13.97 10.84
C PHE B 362 -17.07 -12.48 10.95
N LEU B 363 -18.03 -11.94 10.19
CA LEU B 363 -18.38 -10.53 10.38
C LEU B 363 -19.08 -10.32 11.72
N VAL B 364 -19.96 -11.25 12.12
CA VAL B 364 -20.53 -11.18 13.47
C VAL B 364 -19.44 -11.16 14.51
N GLY B 365 -18.41 -11.99 14.31
CA GLY B 365 -17.31 -12.02 15.27
C GLY B 365 -16.58 -10.70 15.37
N VAL B 366 -16.25 -10.11 14.22
CA VAL B 366 -15.55 -8.82 14.23
C VAL B 366 -16.41 -7.75 14.89
N LEU B 367 -17.70 -7.75 14.59
CA LEU B 367 -18.60 -6.81 15.25
C LEU B 367 -18.61 -7.02 16.76
N SER B 368 -18.55 -8.28 17.21
CA SER B 368 -18.59 -8.58 18.63
C SER B 368 -17.32 -8.12 19.34
N LYS B 369 -16.15 -8.41 18.75
CA LYS B 369 -14.89 -8.08 19.40
C LYS B 369 -13.84 -7.83 18.33
N ALA B 370 -13.31 -6.61 18.33
CA ALA B 370 -12.20 -6.24 17.45
C ALA B 370 -11.78 -4.81 17.83
N ASP B 371 -10.67 -4.38 17.25
CA ASP B 371 -10.32 -2.97 17.27
C ASP B 371 -11.49 -2.14 16.76
N PHE B 372 -11.71 -0.98 17.37
CA PHE B 372 -12.90 -0.20 17.03
C PHE B 372 -12.92 0.22 15.56
N LYS B 373 -11.76 0.54 14.99
CA LYS B 373 -11.72 0.85 13.55
C LYS B 373 -12.21 -0.33 12.73
N THR B 374 -11.76 -1.54 13.08
CA THR B 374 -12.24 -2.74 12.42
C THR B 374 -13.74 -2.89 12.60
N GLN B 375 -14.26 -2.61 13.80
CA GLN B 375 -15.69 -2.70 14.05
C GLN B 375 -16.48 -1.75 13.16
N LYS B 376 -15.95 -0.53 12.97
CA LYS B 376 -16.62 0.44 12.09
C LYS B 376 -16.67 -0.07 10.66
N GLU B 377 -15.55 -0.63 10.17
CA GLU B 377 -15.58 -1.25 8.84
C GLU B 377 -16.59 -2.39 8.78
N ALA B 378 -16.71 -3.17 9.85
CA ALA B 378 -17.68 -4.27 9.86
C ALA B 378 -19.10 -3.75 9.77
N ALA B 379 -19.39 -2.67 10.51
CA ALA B 379 -20.70 -2.05 10.42
C ALA B 379 -21.00 -1.61 9.00
N TRP B 380 -20.00 -1.05 8.32
CA TRP B 380 -20.17 -0.70 6.90
C TRP B 380 -20.49 -1.93 6.06
N ALA B 381 -19.74 -3.00 6.26
CA ALA B 381 -20.02 -4.23 5.51
C ALA B 381 -21.46 -4.68 5.71
N ILE B 382 -21.97 -4.57 6.94
CA ILE B 382 -23.33 -5.02 7.22
C ILE B 382 -24.35 -4.10 6.55
N THR B 383 -24.14 -2.78 6.61
CA THR B 383 -25.08 -1.88 5.95
C THR B 383 -25.11 -2.13 4.45
N ASN B 384 -23.94 -2.32 3.83
CA ASN B 384 -23.92 -2.60 2.39
C ASN B 384 -24.65 -3.91 2.09
N TYR B 385 -24.38 -4.95 2.90
CA TYR B 385 -25.05 -6.23 2.74
C TYR B 385 -26.57 -6.06 2.77
N THR B 386 -27.07 -5.36 3.79
CA THR B 386 -28.52 -5.22 3.95
C THR B 386 -29.12 -4.30 2.89
N SER B 387 -28.33 -3.36 2.36
CA SER B 387 -28.82 -2.49 1.31
C SER B 387 -28.93 -3.20 -0.02
N GLY B 388 -28.05 -4.17 -0.29
CA GLY B 388 -28.08 -4.85 -1.58
C GLY B 388 -28.65 -6.25 -1.56
N GLY B 389 -28.88 -6.81 -0.37
CA GLY B 389 -29.21 -8.21 -0.26
C GLY B 389 -30.69 -8.50 -0.45
N THR B 390 -30.97 -9.77 -0.76
CA THR B 390 -32.34 -10.26 -0.78
C THR B 390 -32.88 -10.38 0.64
N VAL B 391 -34.21 -10.57 0.72
CA VAL B 391 -34.86 -10.78 2.01
C VAL B 391 -34.26 -11.99 2.72
N GLU B 392 -34.04 -13.07 1.98
CA GLU B 392 -33.50 -14.29 2.56
C GLU B 392 -32.09 -14.06 3.12
N GLN B 393 -31.26 -13.33 2.37
CA GLN B 393 -29.91 -13.04 2.83
C GLN B 393 -29.92 -12.22 4.13
N ILE B 394 -30.84 -11.26 4.22
CA ILE B 394 -30.93 -10.42 5.43
C ILE B 394 -31.42 -11.25 6.61
N VAL B 395 -32.39 -12.13 6.36
CA VAL B 395 -32.87 -13.04 7.41
C VAL B 395 -31.72 -13.89 7.93
N TYR B 396 -30.95 -14.48 7.01
CA TYR B 396 -29.77 -15.26 7.38
C TYR B 396 -28.84 -14.47 8.27
N LEU B 397 -28.59 -13.21 7.89
CA LEU B 397 -27.82 -12.31 8.73
C LEU B 397 -28.35 -12.31 10.17
N VAL B 398 -29.67 -12.14 10.31
CA VAL B 398 -30.23 -12.09 11.67
C VAL B 398 -30.01 -13.43 12.38
N HIS B 399 -30.19 -14.54 11.66
CA HIS B 399 -30.02 -15.86 12.25
C HIS B 399 -28.58 -16.10 12.69
N CYS B 400 -27.60 -15.42 12.10
CA CYS B 400 -26.21 -15.60 12.52
C CYS B 400 -25.85 -14.85 13.79
N GLY B 401 -26.73 -14.02 14.32
CA GLY B 401 -26.48 -13.31 15.55
C GLY B 401 -26.03 -11.88 15.40
N ILE B 402 -26.41 -11.18 14.33
CA ILE B 402 -25.89 -9.84 14.09
C ILE B 402 -26.48 -8.83 15.06
N ILE B 403 -27.70 -9.06 15.54
CA ILE B 403 -28.46 -8.01 16.20
C ILE B 403 -27.77 -7.55 17.47
N GLU B 404 -27.40 -8.49 18.34
CA GLU B 404 -26.86 -8.09 19.64
C GLU B 404 -25.57 -7.29 19.53
N PRO B 405 -24.55 -7.72 18.76
CA PRO B 405 -23.36 -6.87 18.65
C PRO B 405 -23.63 -5.57 17.91
N LEU B 406 -24.47 -5.61 16.89
CA LEU B 406 -24.85 -4.38 16.20
C LEU B 406 -25.42 -3.37 17.19
N MET B 407 -26.32 -3.83 18.07
CA MET B 407 -26.90 -2.95 19.09
C MET B 407 -25.85 -2.48 20.08
N ASN B 408 -25.00 -3.40 20.56
CA ASN B 408 -23.99 -3.01 21.54
C ASN B 408 -23.08 -1.93 21.01
N LEU B 409 -22.87 -1.89 19.69
CA LEU B 409 -22.01 -0.85 19.11
C LEU B 409 -22.67 0.53 19.05
N LEU B 410 -23.95 0.65 19.39
CA LEU B 410 -24.62 1.94 19.30
C LEU B 410 -24.25 2.90 20.42
N SER B 411 -23.54 2.44 21.44
CA SER B 411 -23.04 3.31 22.50
C SER B 411 -21.68 3.91 22.17
N ALA B 412 -21.34 4.02 20.88
CA ALA B 412 -20.04 4.52 20.46
C ALA B 412 -20.04 6.05 20.39
N LYS B 413 -18.88 6.64 20.66
CA LYS B 413 -18.69 8.08 20.56
C LYS B 413 -18.52 8.55 19.13
N ASP B 414 -18.64 7.66 18.15
CA ASP B 414 -18.47 7.99 16.74
C ASP B 414 -19.85 8.11 16.11
N THR B 415 -20.12 9.27 15.50
CA THR B 415 -21.43 9.52 14.91
C THR B 415 -21.63 8.72 13.64
N LYS B 416 -20.58 8.59 12.82
CA LYS B 416 -20.70 7.90 11.54
C LYS B 416 -21.16 6.45 11.74
N ILE B 417 -20.52 5.73 12.67
CA ILE B 417 -20.89 4.33 12.89
C ILE B 417 -22.33 4.22 13.36
N ILE B 418 -22.80 5.20 14.15
CA ILE B 418 -24.19 5.18 14.60
C ILE B 418 -25.14 5.33 13.43
N GLN B 419 -24.86 6.29 12.54
CA GLN B 419 -25.67 6.44 11.33
C GLN B 419 -25.71 5.14 10.54
N VAL B 420 -24.55 4.50 10.37
CA VAL B 420 -24.45 3.29 9.56
C VAL B 420 -25.28 2.17 10.19
N ILE B 421 -25.16 2.01 11.51
CA ILE B 421 -25.91 0.96 12.20
C ILE B 421 -27.40 1.20 12.08
N LEU B 422 -27.84 2.45 12.21
CA LEU B 422 -29.27 2.74 12.13
C LEU B 422 -29.80 2.43 10.73
N ASP B 423 -29.03 2.76 9.70
CA ASP B 423 -29.43 2.39 8.34
C ASP B 423 -29.56 0.88 8.19
N ALA B 424 -28.59 0.12 8.72
CA ALA B 424 -28.66 -1.33 8.66
C ALA B 424 -29.92 -1.85 9.34
N ILE B 425 -30.21 -1.32 10.53
CA ILE B 425 -31.38 -1.75 11.29
C ILE B 425 -32.65 -1.48 10.48
N SER B 426 -32.74 -0.31 9.86
CA SER B 426 -33.89 -0.01 9.03
C SER B 426 -34.04 -1.01 7.88
N ASN B 427 -32.93 -1.34 7.21
CA ASN B 427 -33.02 -2.28 6.09
C ASN B 427 -33.49 -3.65 6.56
N ILE B 428 -32.98 -4.10 7.71
CA ILE B 428 -33.40 -5.37 8.25
C ILE B 428 -34.89 -5.34 8.57
N PHE B 429 -35.36 -4.24 9.18
CA PHE B 429 -36.78 -4.11 9.47
C PHE B 429 -37.61 -4.13 8.20
N GLN B 430 -37.09 -3.55 7.11
CA GLN B 430 -37.82 -3.61 5.85
C GLN B 430 -37.98 -5.04 5.36
N ALA B 431 -36.91 -5.83 5.44
CA ALA B 431 -37.03 -7.25 5.08
C ALA B 431 -38.06 -7.94 5.99
N ALA B 432 -38.02 -7.64 7.28
CA ALA B 432 -38.99 -8.21 8.22
C ALA B 432 -40.41 -7.85 7.81
N GLU B 433 -40.66 -6.58 7.47
CA GLU B 433 -41.93 -6.16 6.90
C GLU B 433 -42.33 -7.07 5.76
N LYS B 434 -41.47 -7.16 4.74
CA LYS B 434 -41.74 -8.01 3.60
C LYS B 434 -42.12 -9.43 4.02
N LEU B 435 -41.67 -9.87 5.19
CA LEU B 435 -42.06 -11.18 5.70
C LEU B 435 -43.17 -11.12 6.74
N GLY B 436 -43.55 -9.95 7.24
CA GLY B 436 -44.58 -9.85 8.26
C GLY B 436 -44.12 -10.32 9.62
N GLU B 437 -42.87 -10.02 9.98
CA GLU B 437 -42.28 -10.50 11.23
C GLU B 437 -41.72 -9.38 12.08
N THR B 438 -42.08 -8.13 11.79
CA THR B 438 -41.44 -6.99 12.44
C THR B 438 -41.51 -7.09 13.97
N GLU B 439 -42.54 -7.74 14.50
CA GLU B 439 -42.68 -7.82 15.95
C GLU B 439 -41.61 -8.72 16.55
N LYS B 440 -41.32 -9.86 15.91
CA LYS B 440 -40.21 -10.71 16.33
C LYS B 440 -38.92 -9.91 16.45
N LEU B 441 -38.59 -9.15 15.40
CA LEU B 441 -37.35 -8.38 15.40
C LEU B 441 -37.36 -7.30 16.47
N SER B 442 -38.48 -6.59 16.61
CA SER B 442 -38.59 -5.57 17.65
C SER B 442 -38.35 -6.19 19.02
N ILE B 443 -38.91 -7.37 19.26
CA ILE B 443 -38.73 -8.04 20.54
C ILE B 443 -37.27 -8.41 20.76
N MET B 444 -36.61 -8.93 19.74
CA MET B 444 -35.19 -9.23 19.85
C MET B 444 -34.40 -7.99 20.27
N ILE B 445 -34.58 -6.90 19.51
CA ILE B 445 -33.86 -5.66 19.78
C ILE B 445 -34.13 -5.18 21.20
N GLU B 446 -35.38 -5.29 21.64
CA GLU B 446 -35.72 -4.84 22.99
C GLU B 446 -35.09 -5.74 24.04
N GLU B 447 -35.06 -7.05 23.80
CA GLU B 447 -34.56 -8.00 24.79
C GLU B 447 -33.07 -7.81 25.03
N CYS B 448 -32.30 -7.47 23.98
CA CYS B 448 -30.88 -7.27 24.22
C CYS B 448 -30.55 -5.85 24.66
N GLY B 449 -31.54 -4.96 24.79
CA GLY B 449 -31.31 -3.61 25.28
C GLY B 449 -31.05 -2.57 24.23
N GLY B 450 -31.29 -2.87 22.95
CA GLY B 450 -31.01 -1.90 21.91
C GLY B 450 -32.03 -0.77 21.84
N LEU B 451 -33.27 -1.06 22.25
CA LEU B 451 -34.31 -0.03 22.21
C LEU B 451 -33.96 1.13 23.13
N ASP B 452 -33.36 0.84 24.28
CA ASP B 452 -32.90 1.92 25.15
C ASP B 452 -31.88 2.79 24.45
N LYS B 453 -30.94 2.17 23.72
CA LYS B 453 -29.95 2.94 22.99
C LYS B 453 -30.62 3.81 21.93
N ILE B 454 -31.57 3.24 21.19
CA ILE B 454 -32.25 4.01 20.14
C ILE B 454 -33.00 5.19 20.75
N GLU B 455 -33.68 4.96 21.87
CA GLU B 455 -34.40 6.04 22.54
C GLU B 455 -33.42 7.13 22.98
N ALA B 456 -32.33 6.73 23.65
CA ALA B 456 -31.29 7.69 23.99
C ALA B 456 -30.82 8.48 22.77
N LEU B 457 -30.83 7.85 21.59
CA LEU B 457 -30.40 8.54 20.38
C LEU B 457 -31.40 9.60 19.91
N GLN B 458 -32.63 9.57 20.42
CA GLN B 458 -33.60 10.60 20.05
C GLN B 458 -33.09 11.99 20.41
N ARG B 459 -32.34 12.11 21.51
CA ARG B 459 -31.78 13.39 21.95
C ARG B 459 -30.35 13.58 21.48
N HIS B 460 -30.00 13.05 20.31
CA HIS B 460 -28.64 13.17 19.82
C HIS B 460 -28.46 14.49 19.07
N GLU B 461 -27.22 14.99 19.07
CA GLU B 461 -26.91 16.24 18.41
C GLU B 461 -27.25 16.17 16.93
N ASN B 462 -26.57 15.30 16.19
CA ASN B 462 -26.71 15.23 14.74
C ASN B 462 -28.19 15.11 14.34
N GLU B 463 -28.54 15.80 13.26
CA GLU B 463 -29.93 15.77 12.77
C GLU B 463 -30.32 14.37 12.32
N SER B 464 -29.58 13.83 11.36
CA SER B 464 -29.91 12.51 10.81
C SER B 464 -30.08 11.47 11.90
N VAL B 465 -29.32 11.58 12.99
CA VAL B 465 -29.39 10.57 14.05
C VAL B 465 -30.80 10.54 14.66
N TYR B 466 -31.26 11.67 15.20
CA TYR B 466 -32.54 11.63 15.89
C TYR B 466 -33.68 11.47 14.89
N LYS B 467 -33.54 11.98 13.66
CA LYS B 467 -34.51 11.66 12.63
C LYS B 467 -34.66 10.14 12.50
N ALA B 468 -33.53 9.45 12.30
CA ALA B 468 -33.54 8.00 12.12
C ALA B 468 -34.14 7.29 13.34
N SER B 469 -33.68 7.66 14.53
CA SER B 469 -34.08 6.93 15.73
C SER B 469 -35.56 7.11 16.02
N LEU B 470 -36.09 8.33 15.89
CA LEU B 470 -37.52 8.48 16.15
C LEU B 470 -38.35 7.88 15.03
N ASN B 471 -37.86 7.85 13.79
CA ASN B 471 -38.54 7.08 12.77
C ASN B 471 -38.66 5.62 13.21
N LEU B 472 -37.55 5.04 13.67
CA LEU B 472 -37.60 3.63 14.10
C LEU B 472 -38.61 3.44 15.22
N ILE B 473 -38.56 4.29 16.24
CA ILE B 473 -39.48 4.14 17.37
C ILE B 473 -40.92 4.21 16.89
N GLU B 474 -41.26 5.27 16.15
CA GLU B 474 -42.65 5.48 15.75
C GLU B 474 -43.12 4.43 14.74
N LYS B 475 -42.21 3.82 14.00
CA LYS B 475 -42.60 2.88 12.95
C LYS B 475 -42.65 1.44 13.43
N TYR B 476 -41.88 1.08 14.46
CA TYR B 476 -41.78 -0.32 14.89
C TYR B 476 -41.92 -0.54 16.39
N PHE B 477 -41.83 0.48 17.22
CA PHE B 477 -41.91 0.33 18.67
C PHE B 477 -43.02 1.19 19.26
N SER B 478 -44.16 1.24 18.59
CA SER B 478 -45.30 2.02 19.07
C SER B 478 -46.54 1.14 19.22
#